data_6W8A
#
_entry.id   6W8A
#
_cell.length_a   66.867
_cell.length_b   119.951
_cell.length_c   129.245
_cell.angle_alpha   90
_cell.angle_beta   90
_cell.angle_gamma   90
#
_symmetry.space_group_name_H-M   'P 21 21 21'
#
loop_
_entity.id
_entity.type
_entity.pdbx_description
1 polymer 'Potassium channel subfamily K member 2'
2 non-polymer 'POTASSIUM ION'
3 non-polymer N-[(2,4-dichlorophenyl)methyl]-4-[(methylsulfonyl)amino]benzamide
4 non-polymer N-((E,2S,3R)-1,3-DIHYDROXYOCTADEC-4-EN-2-YL)PALMITAMIDE
5 non-polymer HEXADECANE
6 non-polymer 'CADMIUM ION'
7 non-polymer PENTANE
8 non-polymer DODECANE
#
_entity_poly.entity_id   1
_entity_poly.type   'polypeptide(L)'
_entity_poly.pdbx_seq_one_letter_code
;MSFSSKPTVLASRVESDSAINVMKWKTVSTIFLVVVLYLIIGATVFKALEQPQEISQRTTIVIQREKFLRAHPCVSDQEL
DELIQQIVAAINAGIIPLGASSNQVSHWDLGSSFFFAGTVITTIGFGNISPRTEGGKIFCIIYALLGIPLFGFLLAGVGD
QLGTIFGKGIAKVEDTFIKWNVSQTKIRIISTIIFILFGCVLFVALPAVIFKHIEGWSALDAIYFVVITLTTIGFGDYVA
GGSDIEYLDFYKPVVWFWILVGLAYFAAVLSMIGDWLRVIAKKTKEAVGEFRAHAAEWTANVTSNSLEVLFQ
;
_entity_poly.pdbx_strand_id   A,B
#
loop_
_chem_comp.id
_chem_comp.type
_chem_comp.name
_chem_comp.formula
16C non-polymer N-((E,2S,3R)-1,3-DIHYDROXYOCTADEC-4-EN-2-YL)PALMITAMIDE 'C34 H67 N O3'
CD non-polymer 'CADMIUM ION' 'Cd 2'
D12 non-polymer DODECANE 'C12 H26'
K non-polymer 'POTASSIUM ION' 'K 1'
LNK non-polymer PENTANE 'C5 H12'
Q6F non-polymer N-[(2,4-dichlorophenyl)methyl]-4-[(methylsulfonyl)amino]benzamide 'C15 H14 Cl2 N2 O3 S'
R16 non-polymer HEXADECANE 'C16 H34'
#
# COMPACT_ATOMS: atom_id res chain seq x y z
N SER A 16 -22.42 -2.70 34.80
CA SER A 16 -21.48 -1.64 34.43
C SER A 16 -21.00 -1.82 33.00
N ASP A 17 -21.62 -1.08 32.07
CA ASP A 17 -21.24 -1.16 30.66
C ASP A 17 -19.99 -0.35 30.37
N SER A 18 -19.79 0.78 31.06
CA SER A 18 -18.62 1.61 30.85
C SER A 18 -17.38 1.09 31.59
N ALA A 19 -17.52 0.00 32.34
CA ALA A 19 -16.35 -0.60 32.99
C ALA A 19 -15.49 -1.36 31.98
N ILE A 20 -16.13 -2.02 31.01
CA ILE A 20 -15.39 -2.72 29.97
C ILE A 20 -14.84 -1.72 28.95
N ASN A 21 -15.62 -0.66 28.67
CA ASN A 21 -15.19 0.33 27.69
C ASN A 21 -13.95 1.07 28.17
N VAL A 22 -13.80 1.28 29.48
CA VAL A 22 -12.60 1.90 29.99
C VAL A 22 -11.43 0.92 29.94
N MET A 23 -11.70 -0.36 30.18
CA MET A 23 -10.67 -1.38 29.95
C MET A 23 -10.27 -1.43 28.49
N LYS A 24 -11.21 -1.20 27.58
CA LYS A 24 -10.88 -1.19 26.16
C LYS A 24 -10.00 0.00 25.79
N TRP A 25 -10.39 1.20 26.23
CA TRP A 25 -9.61 2.38 25.85
C TRP A 25 -8.21 2.33 26.44
N LYS A 26 -8.05 1.67 27.58
CA LYS A 26 -6.72 1.48 28.15
C LYS A 26 -5.90 0.50 27.32
N THR A 27 -6.55 -0.47 26.69
CA THR A 27 -5.85 -1.37 25.76
C THR A 27 -5.42 -0.61 24.50
N VAL A 28 -6.33 0.18 23.93
CA VAL A 28 -6.02 0.89 22.70
C VAL A 28 -4.90 1.90 22.92
N SER A 29 -4.95 2.62 24.05
CA SER A 29 -3.99 3.68 24.28
C SER A 29 -2.58 3.13 24.48
N THR A 30 -2.44 1.97 25.11
CA THR A 30 -1.12 1.36 25.23
C THR A 30 -0.59 0.91 23.87
N ILE A 31 -1.45 0.28 23.06
CA ILE A 31 -1.06 -0.10 21.71
C ILE A 31 -0.68 1.14 20.90
N PHE A 32 -1.47 2.21 21.07
CA PHE A 32 -1.16 3.49 20.43
C PHE A 32 0.26 3.94 20.75
N LEU A 33 0.61 3.97 22.05
CA LEU A 33 1.93 4.45 22.44
C LEU A 33 3.02 3.50 21.96
N VAL A 34 2.76 2.20 21.89
CA VAL A 34 3.73 1.27 21.33
C VAL A 34 3.94 1.56 19.85
N VAL A 35 2.86 1.93 19.13
CA VAL A 35 2.99 2.31 17.74
C VAL A 35 3.72 3.64 17.60
N VAL A 36 3.32 4.63 18.40
CA VAL A 36 3.99 5.93 18.38
C VAL A 36 5.48 5.76 18.68
N LEU A 37 5.81 4.90 19.64
CA LEU A 37 7.21 4.71 20.00
C LEU A 37 7.93 3.80 19.00
N TYR A 38 7.18 2.94 18.30
CA TYR A 38 7.77 2.16 17.21
C TYR A 38 8.08 3.05 16.02
N LEU A 39 7.26 4.07 15.79
CA LEU A 39 7.53 5.04 14.74
C LEU A 39 8.74 5.90 15.07
N ILE A 40 8.92 6.23 16.35
CA ILE A 40 10.06 7.07 16.75
C ILE A 40 11.36 6.31 16.57
N ILE A 41 11.40 5.05 17.02
CA ILE A 41 12.60 4.23 16.82
C ILE A 41 12.91 4.11 15.34
N GLY A 42 11.92 3.75 14.54
CA GLY A 42 12.14 3.64 13.10
C GLY A 42 12.61 4.94 12.47
N ALA A 43 11.97 6.05 12.83
CA ALA A 43 12.34 7.34 12.25
C ALA A 43 13.81 7.65 12.46
N THR A 44 14.29 7.47 13.70
CA THR A 44 15.70 7.75 13.98
C THR A 44 16.61 6.77 13.24
N VAL A 45 16.18 5.51 13.11
CA VAL A 45 17.02 4.52 12.43
C VAL A 45 17.05 4.78 10.92
N PHE A 46 15.95 5.23 10.33
CA PHE A 46 16.00 5.60 8.92
C PHE A 46 16.77 6.89 8.72
N LYS A 47 16.58 7.87 9.61
CA LYS A 47 17.37 9.10 9.52
C LYS A 47 18.85 8.81 9.68
N ALA A 48 19.21 7.83 10.51
CA ALA A 48 20.62 7.45 10.62
C ALA A 48 21.11 6.79 9.33
N LEU A 49 20.30 5.92 8.74
CA LEU A 49 20.72 5.17 7.57
C LEU A 49 20.66 5.96 6.27
N GLU A 50 19.81 6.98 6.20
CA GLU A 50 19.54 7.64 4.92
C GLU A 50 19.93 9.10 4.86
N GLN A 51 20.21 9.75 5.99
CA GLN A 51 20.68 11.13 5.95
C GLN A 51 22.02 11.25 5.25
N PRO A 52 23.03 10.41 5.53
CA PRO A 52 24.32 10.55 4.82
C PRO A 52 24.22 10.29 3.33
N GLN A 53 23.62 9.16 2.95
CA GLN A 53 23.47 8.84 1.53
C GLN A 53 22.78 9.96 0.78
N GLU A 54 21.95 10.75 1.47
CA GLU A 54 21.32 11.92 0.86
C GLU A 54 22.34 13.02 0.62
N ILE A 55 23.22 13.27 1.61
CA ILE A 55 24.18 14.36 1.49
C ILE A 55 25.17 14.09 0.37
N SER A 56 25.72 12.88 0.32
CA SER A 56 26.69 12.56 -0.72
C SER A 56 26.08 12.63 -2.11
N GLN A 57 24.78 12.40 -2.23
CA GLN A 57 24.11 12.55 -3.52
C GLN A 57 23.78 14.00 -3.84
N ARG A 58 23.50 14.81 -2.81
CA ARG A 58 23.25 16.22 -3.06
C ARG A 58 24.53 16.98 -3.37
N THR A 59 25.67 16.55 -2.81
CA THR A 59 26.93 17.19 -3.16
C THR A 59 27.42 16.76 -4.54
N THR A 60 27.32 15.47 -4.84
CA THR A 60 27.77 14.96 -6.13
C THR A 60 26.75 15.16 -7.25
N ILE A 61 25.62 15.82 -6.97
CA ILE A 61 24.74 16.27 -8.04
C ILE A 61 24.98 17.76 -8.34
N VAL A 62 25.53 18.51 -7.38
CA VAL A 62 26.02 19.85 -7.68
C VAL A 62 27.34 19.76 -8.43
N ILE A 63 28.15 18.74 -8.12
CA ILE A 63 29.36 18.47 -8.91
C ILE A 63 28.99 18.24 -10.37
N GLN A 64 27.98 17.39 -10.61
CA GLN A 64 27.59 17.10 -11.98
C GLN A 64 27.01 18.33 -12.69
N ARG A 65 26.38 19.23 -11.94
CA ARG A 65 25.70 20.37 -12.57
C ARG A 65 26.71 21.39 -13.09
N GLU A 66 27.61 21.87 -12.24
CA GLU A 66 28.64 22.79 -12.70
C GLU A 66 29.66 22.10 -13.60
N LYS A 67 29.77 20.78 -13.53
CA LYS A 67 30.57 20.05 -14.52
C LYS A 67 30.00 20.21 -15.92
N PHE A 68 28.66 20.22 -16.03
CA PHE A 68 28.02 20.26 -17.34
C PHE A 68 28.05 21.65 -17.97
N LEU A 69 28.26 22.71 -17.17
CA LEU A 69 28.44 24.03 -17.75
C LEU A 69 29.85 24.24 -18.27
N ARG A 70 30.85 23.61 -17.65
CA ARG A 70 32.24 23.82 -18.04
C ARG A 70 32.64 22.88 -19.17
N ALA A 71 32.30 21.59 -19.05
CA ALA A 71 32.58 20.62 -20.09
C ALA A 71 31.78 20.88 -21.36
N HIS A 72 30.75 21.72 -21.28
CA HIS A 72 30.03 22.20 -22.46
C HIS A 72 29.81 23.69 -22.30
N PRO A 73 30.82 24.51 -22.63
CA PRO A 73 30.65 25.97 -22.54
C PRO A 73 29.52 26.50 -23.39
N CYS A 74 29.14 25.75 -24.44
CA CYS A 74 27.98 26.00 -25.27
C CYS A 74 26.75 26.42 -24.48
N VAL A 75 26.50 25.75 -23.35
CA VAL A 75 25.30 25.94 -22.56
C VAL A 75 25.49 27.11 -21.61
N SER A 76 24.58 28.08 -21.67
CA SER A 76 24.57 29.15 -20.68
C SER A 76 23.85 28.69 -19.41
N ASP A 77 24.12 29.40 -18.31
CA ASP A 77 23.54 29.03 -17.03
C ASP A 77 22.04 29.31 -16.95
N GLN A 78 21.48 30.03 -17.92
CA GLN A 78 20.08 30.40 -17.90
C GLN A 78 19.21 29.38 -18.62
N GLU A 79 19.75 28.75 -19.66
CA GLU A 79 19.01 27.73 -20.40
C GLU A 79 18.79 26.49 -19.55
N LEU A 80 19.75 26.16 -18.67
CA LEU A 80 19.67 24.92 -17.90
C LEU A 80 18.49 24.91 -16.95
N ASP A 81 18.24 26.04 -16.26
CA ASP A 81 17.10 26.11 -15.36
C ASP A 81 15.79 25.96 -16.12
N GLU A 82 15.76 26.39 -17.38
CA GLU A 82 14.59 26.18 -18.21
C GLU A 82 14.48 24.72 -18.65
N LEU A 83 15.62 24.08 -18.90
CA LEU A 83 15.62 22.66 -19.23
C LEU A 83 15.05 21.82 -18.08
N ILE A 84 15.48 22.13 -16.85
CA ILE A 84 15.11 21.29 -15.72
C ILE A 84 13.64 21.47 -15.35
N GLN A 85 13.08 22.66 -15.58
CA GLN A 85 11.64 22.83 -15.42
C GLN A 85 10.89 21.97 -16.42
N GLN A 86 11.36 21.94 -17.67
CA GLN A 86 10.71 21.16 -18.71
C GLN A 86 10.86 19.66 -18.49
N ILE A 87 11.86 19.24 -17.72
CA ILE A 87 11.99 17.84 -17.35
C ILE A 87 11.09 17.51 -16.16
N VAL A 88 11.14 18.34 -15.12
CA VAL A 88 10.26 18.16 -13.97
C VAL A 88 8.79 18.19 -14.41
N ALA A 89 8.47 19.06 -15.37
CA ALA A 89 7.13 19.06 -15.93
C ALA A 89 6.84 17.74 -16.65
N ALA A 90 7.84 17.18 -17.33
CA ALA A 90 7.66 15.94 -18.07
C ALA A 90 7.69 14.71 -17.16
N ILE A 91 8.31 14.81 -15.99
CA ILE A 91 8.26 13.72 -15.02
C ILE A 91 6.84 13.50 -14.52
N ASN A 92 6.01 14.55 -14.56
CA ASN A 92 4.63 14.43 -14.11
C ASN A 92 3.79 13.55 -15.03
N ALA A 93 4.24 13.28 -16.24
CA ALA A 93 3.61 12.28 -17.11
C ALA A 93 4.58 11.18 -17.50
N GLY A 94 5.76 11.53 -17.97
CA GLY A 94 6.73 10.53 -18.41
C GLY A 94 8.12 10.74 -17.84
N SER A 106 4.80 3.21 -24.32
CA SER A 106 3.62 3.90 -23.83
C SER A 106 3.23 3.40 -22.44
N HIS A 107 2.80 4.32 -21.57
CA HIS A 107 2.42 3.95 -20.22
C HIS A 107 1.02 3.34 -20.16
N TRP A 108 0.13 3.70 -21.09
CA TRP A 108 -1.27 3.31 -21.01
C TRP A 108 -1.68 2.41 -22.16
N ASP A 109 -0.77 1.53 -22.60
CA ASP A 109 -1.04 0.66 -23.74
C ASP A 109 -2.02 -0.44 -23.32
N LEU A 110 -2.19 -1.44 -24.19
CA LEU A 110 -3.18 -2.48 -23.95
C LEU A 110 -2.91 -3.24 -22.66
N GLY A 111 -1.64 -3.45 -22.31
CA GLY A 111 -1.30 -4.30 -21.19
C GLY A 111 -0.95 -3.60 -19.91
N SER A 112 -0.46 -2.36 -19.99
CA SER A 112 -0.03 -1.66 -18.79
C SER A 112 -1.19 -1.09 -18.00
N SER A 113 -2.26 -0.66 -18.67
CA SER A 113 -3.48 -0.30 -17.96
C SER A 113 -4.13 -1.53 -17.32
N PHE A 114 -3.77 -2.73 -17.77
CA PHE A 114 -4.18 -3.96 -17.11
C PHE A 114 -3.38 -4.14 -15.82
N PHE A 115 -2.05 -4.05 -15.92
CA PHE A 115 -1.19 -3.84 -14.77
C PHE A 115 -1.71 -2.78 -13.80
N PHE A 116 -1.99 -1.58 -14.32
CA PHE A 116 -2.50 -0.51 -13.47
C PHE A 116 -3.71 -0.96 -12.66
N ALA A 117 -4.71 -1.53 -13.34
CA ALA A 117 -5.88 -2.05 -12.65
C ALA A 117 -5.50 -3.05 -11.57
N GLY A 118 -4.43 -3.82 -11.80
CA GLY A 118 -3.94 -4.72 -10.77
C GLY A 118 -3.40 -3.99 -9.55
N THR A 119 -2.62 -2.93 -9.78
CA THR A 119 -2.09 -2.16 -8.66
C THR A 119 -3.19 -1.46 -7.87
N VAL A 120 -4.37 -1.27 -8.48
CA VAL A 120 -5.48 -0.62 -7.79
C VAL A 120 -6.20 -1.60 -6.87
N ILE A 121 -6.65 -2.73 -7.41
CA ILE A 121 -7.48 -3.64 -6.62
C ILE A 121 -6.65 -4.36 -5.56
N THR A 122 -5.40 -4.68 -5.86
CA THR A 122 -4.53 -5.29 -4.86
C THR A 122 -4.06 -4.30 -3.80
N THR A 123 -4.28 -3.00 -4.03
CA THR A 123 -3.79 -1.92 -3.18
C THR A 123 -2.27 -1.90 -3.06
N ILE A 124 -1.57 -2.59 -3.96
CA ILE A 124 -0.13 -2.43 -4.05
C ILE A 124 0.20 -1.00 -4.48
N GLY A 125 -0.41 -0.57 -5.58
CA GLY A 125 -0.31 0.81 -6.04
C GLY A 125 1.11 1.33 -6.16
N PHE A 126 1.92 0.70 -7.03
CA PHE A 126 3.30 1.14 -7.20
C PHE A 126 3.37 2.63 -7.54
N GLY A 127 2.43 3.11 -8.34
CA GLY A 127 2.38 4.52 -8.68
C GLY A 127 3.23 4.95 -9.85
N ASN A 128 4.04 4.04 -10.42
CA ASN A 128 4.74 4.37 -11.66
C ASN A 128 3.76 4.75 -12.75
N ILE A 129 2.56 4.18 -12.72
CA ILE A 129 1.48 4.52 -13.63
C ILE A 129 0.31 5.00 -12.78
N SER A 130 -0.13 6.22 -13.00
CA SER A 130 -1.26 6.79 -12.25
C SER A 130 -2.07 7.67 -13.18
N PRO A 131 -3.38 7.79 -12.96
CA PRO A 131 -4.21 8.56 -13.89
C PRO A 131 -3.92 10.05 -13.80
N ARG A 132 -4.05 10.71 -14.96
CA ARG A 132 -3.84 12.15 -15.09
C ARG A 132 -5.10 12.91 -15.45
N THR A 133 -6.00 12.30 -16.21
CA THR A 133 -7.25 12.94 -16.57
C THR A 133 -8.19 12.97 -15.37
N GLU A 134 -9.02 14.03 -15.30
CA GLU A 134 -10.02 14.09 -14.24
C GLU A 134 -10.98 12.91 -14.28
N GLY A 135 -11.21 12.35 -15.47
CA GLY A 135 -12.08 11.20 -15.61
C GLY A 135 -11.42 9.91 -15.16
N GLY A 136 -10.13 9.75 -15.50
CA GLY A 136 -9.39 8.60 -15.03
C GLY A 136 -9.26 8.55 -13.53
N LYS A 137 -9.29 9.71 -12.88
CA LYS A 137 -9.27 9.75 -11.42
C LYS A 137 -10.62 9.35 -10.84
N ILE A 138 -11.71 9.88 -11.41
CA ILE A 138 -13.05 9.53 -10.93
C ILE A 138 -13.33 8.06 -11.16
N PHE A 139 -12.92 7.52 -12.32
CA PHE A 139 -13.10 6.09 -12.56
C PHE A 139 -12.23 5.26 -11.62
N CYS A 140 -11.02 5.75 -11.32
CA CYS A 140 -10.15 5.02 -10.40
C CYS A 140 -10.74 4.95 -9.00
N ILE A 141 -11.43 6.01 -8.59
CA ILE A 141 -12.13 5.99 -7.30
C ILE A 141 -13.22 4.93 -7.31
N ILE A 142 -14.04 4.92 -8.37
CA ILE A 142 -15.10 3.92 -8.48
C ILE A 142 -14.50 2.53 -8.69
N TYR A 143 -13.46 2.42 -9.51
CA TYR A 143 -12.87 1.13 -9.80
C TYR A 143 -12.24 0.51 -8.56
N ALA A 144 -11.77 1.33 -7.63
CA ALA A 144 -11.14 0.82 -6.42
C ALA A 144 -12.17 0.42 -5.38
N LEU A 145 -13.17 1.28 -5.13
CA LEU A 145 -14.16 0.99 -4.11
C LEU A 145 -14.92 -0.30 -4.40
N LEU A 146 -15.00 -0.69 -5.66
CA LEU A 146 -15.63 -1.96 -6.04
C LEU A 146 -14.63 -3.08 -6.27
N GLY A 147 -13.42 -2.76 -6.74
CA GLY A 147 -12.44 -3.80 -7.03
C GLY A 147 -11.78 -4.37 -5.79
N ILE A 148 -11.45 -3.50 -4.83
CA ILE A 148 -10.76 -3.96 -3.63
C ILE A 148 -11.58 -5.00 -2.88
N PRO A 149 -12.88 -4.80 -2.59
CA PRO A 149 -13.65 -5.90 -1.99
C PRO A 149 -13.74 -7.12 -2.89
N LEU A 150 -13.98 -6.92 -4.20
CA LEU A 150 -14.04 -8.04 -5.12
C LEU A 150 -12.77 -8.88 -5.09
N PHE A 151 -11.61 -8.23 -5.25
CA PHE A 151 -10.35 -8.96 -5.22
C PHE A 151 -10.12 -9.63 -3.87
N GLY A 152 -10.66 -9.04 -2.79
CA GLY A 152 -10.52 -9.66 -1.48
C GLY A 152 -11.13 -11.05 -1.43
N PHE A 153 -12.27 -11.24 -2.09
CA PHE A 153 -12.89 -12.57 -2.13
C PHE A 153 -12.00 -13.56 -2.87
N LEU A 154 -11.50 -13.16 -4.05
CA LEU A 154 -10.54 -13.99 -4.77
C LEU A 154 -9.34 -14.33 -3.89
N LEU A 155 -8.75 -13.32 -3.27
CA LEU A 155 -7.58 -13.55 -2.42
C LEU A 155 -7.93 -14.41 -1.22
N ALA A 156 -9.19 -14.35 -0.76
CA ALA A 156 -9.61 -15.21 0.34
C ALA A 156 -9.70 -16.67 -0.10
N GLY A 157 -10.28 -16.91 -1.28
CA GLY A 157 -10.35 -18.28 -1.78
C GLY A 157 -8.98 -18.85 -2.12
N VAL A 158 -8.11 -18.03 -2.69
CA VAL A 158 -6.74 -18.47 -2.96
C VAL A 158 -6.04 -18.85 -1.66
N GLY A 159 -6.32 -18.12 -0.57
CA GLY A 159 -5.78 -18.50 0.72
C GLY A 159 -6.35 -19.81 1.22
N ASP A 160 -7.67 -20.00 1.08
CA ASP A 160 -8.31 -21.27 1.43
C ASP A 160 -7.68 -22.43 0.69
N GLN A 161 -7.66 -22.37 -0.64
CA GLN A 161 -7.13 -23.46 -1.44
C GLN A 161 -5.67 -23.74 -1.10
N LEU A 162 -4.85 -22.69 -1.04
CA LEU A 162 -3.45 -22.88 -0.69
C LEU A 162 -3.27 -23.35 0.74
N GLY A 163 -4.27 -23.12 1.60
CA GLY A 163 -4.23 -23.63 2.96
C GLY A 163 -4.54 -25.11 3.04
N THR A 164 -5.54 -25.55 2.29
CA THR A 164 -5.88 -26.98 2.27
C THR A 164 -4.80 -27.81 1.59
N ILE A 165 -4.05 -27.21 0.67
CA ILE A 165 -2.92 -27.91 0.06
C ILE A 165 -1.85 -28.19 1.11
N PHE A 166 -1.51 -27.18 1.91
CA PHE A 166 -0.51 -27.34 2.97
CA PHE A 166 -0.50 -27.37 2.94
C PHE A 166 -1.03 -28.18 4.12
N GLY A 167 -2.35 -28.24 4.31
CA GLY A 167 -2.90 -29.11 5.34
C GLY A 167 -2.78 -30.58 4.95
N LYS A 168 -2.93 -30.87 3.66
CA LYS A 168 -2.63 -32.21 3.16
C LYS A 168 -1.16 -32.54 3.37
N GLY A 169 -0.29 -31.55 3.24
CA GLY A 169 1.14 -31.79 3.40
C GLY A 169 1.53 -32.09 4.84
N ILE A 170 0.95 -31.36 5.79
CA ILE A 170 1.27 -31.61 7.20
C ILE A 170 0.50 -32.78 7.78
N ALA A 171 -0.53 -33.27 7.10
CA ALA A 171 -1.13 -34.54 7.51
C ALA A 171 -0.14 -35.68 7.29
N LYS A 172 0.66 -35.58 6.22
CA LYS A 172 1.66 -36.58 5.88
C LYS A 172 2.99 -36.36 6.59
N VAL A 173 3.28 -35.12 6.99
CA VAL A 173 4.52 -34.84 7.69
C VAL A 173 4.35 -34.91 9.21
N GLU A 174 3.14 -34.66 9.72
CA GLU A 174 2.84 -34.88 11.12
C GLU A 174 2.44 -36.31 11.42
N ASP A 175 2.71 -37.23 10.50
CA ASP A 175 2.52 -38.66 10.73
C ASP A 175 3.85 -39.40 10.86
N THR A 176 4.88 -38.96 10.13
CA THR A 176 6.17 -39.61 10.20
C THR A 176 7.01 -39.12 11.38
N PHE A 177 6.84 -37.87 11.79
CA PHE A 177 7.51 -37.34 12.98
C PHE A 177 6.73 -37.57 14.27
N ILE A 178 5.55 -38.19 14.20
CA ILE A 178 4.72 -38.44 15.37
C ILE A 178 4.44 -39.94 15.49
N LYS A 179 5.43 -40.75 15.13
CA LYS A 179 5.42 -42.17 15.51
C LYS A 179 6.77 -42.55 16.14
N TRP A 180 7.56 -41.55 16.52
CA TRP A 180 8.86 -41.72 17.17
C TRP A 180 9.08 -40.47 18.02
N ASN A 181 10.32 -39.98 18.09
CA ASN A 181 10.84 -38.99 19.02
C ASN A 181 9.97 -37.75 19.23
N VAL A 182 10.41 -36.86 20.13
CA VAL A 182 9.59 -36.14 21.11
C VAL A 182 8.24 -35.70 20.57
N SER A 183 7.21 -35.94 21.39
CA SER A 183 5.81 -35.92 20.99
C SER A 183 5.15 -34.54 20.95
N GLN A 184 3.81 -34.54 20.88
CA GLN A 184 2.99 -33.39 20.55
C GLN A 184 3.29 -32.17 21.44
N THR A 185 2.71 -31.06 21.02
CA THR A 185 2.68 -29.70 21.59
C THR A 185 4.03 -29.01 21.49
N LYS A 186 5.09 -29.68 21.05
CA LYS A 186 6.31 -29.04 20.61
C LYS A 186 6.50 -29.17 19.11
N ILE A 187 5.67 -29.99 18.44
CA ILE A 187 5.76 -30.19 17.00
C ILE A 187 4.92 -29.17 16.23
N ARG A 188 4.02 -28.47 16.90
CA ARG A 188 3.48 -27.22 16.34
C ARG A 188 4.62 -26.31 15.90
N ILE A 189 5.62 -26.15 16.77
CA ILE A 189 6.77 -25.29 16.46
C ILE A 189 7.49 -25.78 15.22
N ILE A 190 7.68 -27.10 15.11
CA ILE A 190 8.38 -27.66 13.96
C ILE A 190 7.56 -27.46 12.69
N SER A 191 6.23 -27.54 12.80
CA SER A 191 5.38 -27.42 11.62
C SER A 191 5.40 -26.00 11.07
N THR A 192 5.25 -25.00 11.95
CA THR A 192 5.24 -23.62 11.49
C THR A 192 6.58 -23.21 10.90
N ILE A 193 7.67 -23.84 11.33
CA ILE A 193 8.97 -23.60 10.69
C ILE A 193 8.97 -24.13 9.28
N ILE A 194 8.38 -25.30 9.06
CA ILE A 194 8.27 -25.85 7.71
C ILE A 194 7.46 -24.93 6.82
N PHE A 195 6.40 -24.32 7.38
CA PHE A 195 5.61 -23.35 6.62
C PHE A 195 6.46 -22.13 6.24
N ILE A 196 7.20 -21.59 7.20
CA ILE A 196 8.01 -20.41 6.92
C ILE A 196 9.17 -20.75 5.99
N LEU A 197 9.79 -21.92 6.18
CA LEU A 197 10.98 -22.26 5.41
C LEU A 197 10.64 -22.51 3.95
N PHE A 198 9.76 -23.48 3.67
CA PHE A 198 9.30 -23.68 2.30
C PHE A 198 8.58 -22.46 1.75
N GLY A 199 7.83 -21.75 2.60
CA GLY A 199 7.13 -20.57 2.13
C GLY A 199 8.06 -19.51 1.58
N CYS A 200 9.16 -19.23 2.29
CA CYS A 200 10.13 -18.27 1.80
C CYS A 200 10.81 -18.76 0.53
N VAL A 201 10.90 -20.08 0.35
CA VAL A 201 11.51 -20.61 -0.87
C VAL A 201 10.62 -20.32 -2.07
N LEU A 202 9.37 -20.82 -2.04
CA LEU A 202 8.50 -20.71 -3.20
C LEU A 202 8.08 -19.27 -3.46
N PHE A 203 7.99 -18.43 -2.42
CA PHE A 203 7.35 -17.13 -2.57
C PHE A 203 8.29 -15.95 -2.38
N VAL A 204 9.48 -16.16 -1.84
CA VAL A 204 10.43 -15.07 -1.66
C VAL A 204 11.74 -15.40 -2.36
N ALA A 205 12.35 -16.53 -1.99
CA ALA A 205 13.67 -16.87 -2.51
C ALA A 205 13.62 -17.14 -4.01
N LEU A 206 12.85 -18.16 -4.43
CA LEU A 206 12.80 -18.54 -5.83
C LEU A 206 12.39 -17.39 -6.75
N PRO A 207 11.33 -16.62 -6.48
CA PRO A 207 11.01 -15.52 -7.40
C PRO A 207 12.09 -14.45 -7.42
N ALA A 208 12.66 -14.08 -6.27
CA ALA A 208 13.71 -13.08 -6.25
C ALA A 208 14.91 -13.49 -7.10
N VAL A 209 15.20 -14.79 -7.16
CA VAL A 209 16.26 -15.27 -8.05
C VAL A 209 15.89 -14.99 -9.49
N ILE A 210 14.62 -15.23 -9.85
CA ILE A 210 14.18 -14.97 -11.22
C ILE A 210 14.18 -13.49 -11.52
N PHE A 211 13.78 -12.65 -10.56
CA PHE A 211 13.86 -11.21 -10.79
C PHE A 211 15.32 -10.75 -10.90
N LYS A 212 16.22 -11.38 -10.14
CA LYS A 212 17.62 -11.01 -10.19
C LYS A 212 18.19 -11.16 -11.60
N HIS A 213 17.86 -12.26 -12.28
CA HIS A 213 18.31 -12.45 -13.65
C HIS A 213 17.54 -11.55 -14.62
N ILE A 214 16.21 -11.66 -14.63
CA ILE A 214 15.43 -11.03 -15.70
C ILE A 214 15.42 -9.51 -15.56
N GLU A 215 15.25 -9.01 -14.34
CA GLU A 215 15.20 -7.56 -14.15
C GLU A 215 16.58 -6.93 -13.97
N GLY A 216 17.62 -7.73 -13.76
CA GLY A 216 18.94 -7.16 -13.52
C GLY A 216 19.10 -6.49 -12.19
N TRP A 217 18.29 -6.87 -11.21
CA TRP A 217 18.35 -6.33 -9.86
C TRP A 217 19.41 -7.05 -9.04
N SER A 218 19.89 -6.37 -8.00
CA SER A 218 20.76 -7.06 -7.06
C SER A 218 19.97 -8.10 -6.28
N ALA A 219 20.69 -9.00 -5.60
CA ALA A 219 20.03 -10.01 -4.79
C ALA A 219 19.22 -9.36 -3.67
N LEU A 220 19.71 -8.25 -3.12
CA LEU A 220 18.97 -7.57 -2.07
C LEU A 220 17.74 -6.85 -2.64
N ASP A 221 17.90 -6.14 -3.75
CA ASP A 221 16.79 -5.39 -4.32
C ASP A 221 15.63 -6.30 -4.69
N ALA A 222 15.93 -7.53 -5.15
CA ALA A 222 14.87 -8.45 -5.52
C ALA A 222 14.04 -8.85 -4.31
N ILE A 223 14.71 -9.29 -3.23
CA ILE A 223 13.99 -9.62 -2.00
C ILE A 223 13.30 -8.38 -1.45
N TYR A 224 13.95 -7.23 -1.56
CA TYR A 224 13.30 -5.96 -1.21
C TYR A 224 12.03 -5.76 -2.00
N PHE A 225 12.09 -5.94 -3.33
CA PHE A 225 10.89 -5.86 -4.15
C PHE A 225 9.82 -6.84 -3.70
N VAL A 226 10.22 -8.09 -3.45
CA VAL A 226 9.25 -9.12 -3.06
C VAL A 226 8.47 -8.68 -1.84
N VAL A 227 9.17 -8.27 -0.79
CA VAL A 227 8.50 -7.93 0.47
C VAL A 227 7.65 -6.68 0.31
N ILE A 228 8.21 -5.64 -0.31
CA ILE A 228 7.46 -4.39 -0.49
C ILE A 228 6.22 -4.61 -1.35
N THR A 229 6.27 -5.56 -2.27
CA THR A 229 5.12 -5.81 -3.13
C THR A 229 4.08 -6.70 -2.44
N LEU A 230 4.53 -7.81 -1.86
CA LEU A 230 3.58 -8.77 -1.30
C LEU A 230 2.99 -8.31 0.04
N THR A 231 3.64 -7.38 0.73
CA THR A 231 3.02 -6.71 1.87
C THR A 231 2.05 -5.61 1.44
N THR A 232 1.93 -5.35 0.14
CA THR A 232 1.12 -4.29 -0.44
C THR A 232 1.57 -2.90 -0.01
N ILE A 233 2.81 -2.77 0.47
CA ILE A 233 3.38 -1.44 0.66
C ILE A 233 3.55 -0.76 -0.70
N GLY A 234 4.32 -1.38 -1.59
CA GLY A 234 4.44 -0.94 -2.96
C GLY A 234 4.91 0.49 -3.13
N PHE A 235 6.15 0.78 -2.73
CA PHE A 235 6.70 2.11 -2.97
C PHE A 235 6.70 2.44 -4.46
N GLY A 236 7.01 1.46 -5.30
CA GLY A 236 7.20 1.70 -6.71
C GLY A 236 8.61 2.05 -7.11
N ASP A 237 9.57 1.99 -6.17
CA ASP A 237 10.96 2.26 -6.52
C ASP A 237 11.57 1.14 -7.35
N TYR A 238 11.03 -0.08 -7.25
CA TYR A 238 11.34 -1.14 -8.18
C TYR A 238 10.03 -1.79 -8.60
N VAL A 239 9.89 -2.06 -9.90
CA VAL A 239 8.67 -2.66 -10.44
C VAL A 239 9.07 -3.75 -11.42
N ALA A 240 8.54 -4.96 -11.23
CA ALA A 240 8.75 -6.03 -12.19
C ALA A 240 8.03 -5.72 -13.49
N GLY A 241 8.75 -5.78 -14.61
CA GLY A 241 8.18 -5.39 -15.88
C GLY A 241 8.01 -3.91 -16.07
N GLY A 242 8.61 -3.08 -15.20
CA GLY A 242 8.44 -1.65 -15.27
C GLY A 242 9.46 -0.96 -16.17
N SER A 243 10.59 -1.61 -16.41
CA SER A 243 11.62 -1.04 -17.26
C SER A 243 11.43 -1.49 -18.71
N ASP A 244 12.15 -0.81 -19.61
CA ASP A 244 12.02 -1.04 -21.04
C ASP A 244 13.01 -2.13 -21.45
N ILE A 245 12.55 -3.38 -21.43
CA ILE A 245 13.37 -4.55 -21.74
C ILE A 245 12.53 -5.52 -22.55
N GLU A 246 13.18 -6.27 -23.43
CA GLU A 246 12.49 -7.37 -24.10
C GLU A 246 12.15 -8.44 -23.06
N TYR A 247 10.86 -8.64 -22.82
CA TYR A 247 10.40 -9.63 -21.86
C TYR A 247 9.87 -10.86 -22.58
N LEU A 248 10.18 -12.03 -22.05
CA LEU A 248 9.61 -13.26 -22.58
C LEU A 248 8.10 -13.25 -22.39
N ASP A 249 7.40 -14.00 -23.25
CA ASP A 249 5.95 -14.02 -23.19
C ASP A 249 5.43 -14.55 -21.86
N PHE A 250 6.17 -15.44 -21.20
CA PHE A 250 5.63 -16.07 -20.00
C PHE A 250 5.89 -15.24 -18.74
N TYR A 251 6.76 -14.24 -18.82
CA TYR A 251 7.26 -13.58 -17.62
C TYR A 251 6.16 -12.83 -16.88
N LYS A 252 5.57 -11.82 -17.51
CA LYS A 252 4.55 -11.02 -16.84
C LYS A 252 3.34 -11.83 -16.36
N PRO A 253 2.81 -12.81 -17.11
CA PRO A 253 1.70 -13.60 -16.56
C PRO A 253 2.10 -14.49 -15.39
N VAL A 254 3.36 -14.94 -15.32
CA VAL A 254 3.80 -15.67 -14.14
C VAL A 254 3.85 -14.75 -12.92
N VAL A 255 4.17 -13.47 -13.13
CA VAL A 255 4.23 -12.54 -12.00
C VAL A 255 2.83 -12.28 -11.45
N TRP A 256 1.82 -12.15 -12.31
CA TRP A 256 0.44 -12.13 -11.84
C TRP A 256 0.12 -13.32 -10.96
N PHE A 257 0.51 -14.52 -11.39
CA PHE A 257 0.26 -15.71 -10.56
C PHE A 257 1.05 -15.64 -9.27
N TRP A 258 2.32 -15.23 -9.34
CA TRP A 258 3.11 -15.00 -8.14
C TRP A 258 2.40 -14.06 -7.18
N ILE A 259 1.92 -12.92 -7.67
CA ILE A 259 1.25 -11.95 -6.81
C ILE A 259 -0.01 -12.52 -6.22
N LEU A 260 -0.83 -13.18 -7.06
CA LEU A 260 -2.07 -13.76 -6.57
C LEU A 260 -1.81 -14.74 -5.42
N VAL A 261 -0.79 -15.58 -5.56
CA VAL A 261 -0.53 -16.59 -4.54
C VAL A 261 0.41 -16.06 -3.46
N GLY A 262 1.30 -15.13 -3.80
CA GLY A 262 2.21 -14.56 -2.81
C GLY A 262 1.51 -13.64 -1.84
N LEU A 263 0.54 -12.85 -2.32
CA LEU A 263 -0.23 -12.00 -1.41
C LEU A 263 -0.97 -12.82 -0.38
N ALA A 264 -1.56 -13.95 -0.81
CA ALA A 264 -2.19 -14.86 0.14
C ALA A 264 -1.16 -15.38 1.14
N TYR A 265 0.09 -15.53 0.74
CA TYR A 265 1.11 -16.07 1.64
C TYR A 265 1.46 -15.07 2.74
N PHE A 266 1.85 -13.84 2.38
CA PHE A 266 2.15 -12.87 3.43
C PHE A 266 0.93 -12.53 4.26
N ALA A 267 -0.27 -12.58 3.67
CA ALA A 267 -1.48 -12.39 4.45
C ALA A 267 -1.52 -13.34 5.64
N ALA A 268 -1.14 -14.60 5.42
CA ALA A 268 -1.00 -15.54 6.53
C ALA A 268 0.24 -15.25 7.36
N VAL A 269 1.36 -14.96 6.69
CA VAL A 269 2.61 -14.69 7.40
C VAL A 269 2.46 -13.49 8.33
N LEU A 270 1.95 -12.37 7.79
CA LEU A 270 1.71 -11.20 8.63
C LEU A 270 0.77 -11.53 9.79
N SER A 271 -0.24 -12.36 9.53
CA SER A 271 -1.16 -12.74 10.59
C SER A 271 -0.47 -13.59 11.66
N MET A 272 0.40 -14.52 11.24
CA MET A 272 1.21 -15.27 12.19
C MET A 272 2.02 -14.33 13.08
N ILE A 273 2.76 -13.41 12.46
CA ILE A 273 3.57 -12.45 13.21
C ILE A 273 2.70 -11.68 14.19
N GLY A 274 1.47 -11.38 13.78
CA GLY A 274 0.54 -10.71 14.70
C GLY A 274 0.22 -11.56 15.91
N ASP A 275 0.03 -12.88 15.71
CA ASP A 275 -0.25 -13.75 16.84
C ASP A 275 0.97 -13.94 17.73
N TRP A 276 2.17 -13.93 17.15
CA TRP A 276 3.39 -13.97 17.94
C TRP A 276 3.46 -12.78 18.89
N LEU A 277 3.15 -11.59 18.36
CA LEU A 277 3.17 -10.38 19.17
C LEU A 277 2.19 -10.48 20.33
N ARG A 278 1.00 -11.02 20.08
CA ARG A 278 0.04 -11.27 21.15
C ARG A 278 0.66 -12.15 22.23
N VAL A 279 1.33 -13.24 21.83
CA VAL A 279 1.96 -14.12 22.80
C VAL A 279 3.07 -13.39 23.54
N ILE A 280 3.96 -12.72 22.80
CA ILE A 280 5.06 -11.99 23.43
C ILE A 280 4.52 -10.91 24.35
N ALA A 281 3.41 -10.28 23.97
CA ALA A 281 2.79 -9.28 24.84
C ALA A 281 2.33 -9.90 26.15
N LYS A 282 1.73 -11.09 26.08
CA LYS A 282 1.31 -11.78 27.30
C LYS A 282 2.52 -12.16 28.15
N LYS A 283 3.59 -12.64 27.51
CA LYS A 283 4.77 -13.09 28.24
C LYS A 283 5.47 -11.91 28.90
N THR A 284 5.57 -10.78 28.20
CA THR A 284 6.19 -9.61 28.79
C THR A 284 5.30 -8.92 29.82
N LYS A 285 3.98 -9.04 29.67
CA LYS A 285 3.09 -8.45 30.66
C LYS A 285 3.19 -9.17 32.00
N GLU A 286 3.37 -10.49 31.96
CA GLU A 286 3.50 -11.27 33.18
C GLU A 286 4.92 -11.24 33.74
N ALA A 287 5.92 -10.97 32.90
CA ALA A 287 7.28 -10.78 33.41
C ALA A 287 7.39 -9.50 34.22
N VAL A 288 6.69 -8.44 33.80
CA VAL A 288 6.64 -7.21 34.58
C VAL A 288 5.94 -7.47 35.91
N GLY A 289 4.87 -8.26 35.90
CA GLY A 289 4.25 -8.66 37.15
C GLY A 289 5.20 -9.43 38.05
N GLU A 290 6.06 -10.25 37.45
CA GLU A 290 7.11 -10.92 38.22
C GLU A 290 8.09 -9.93 38.82
N PHE A 291 8.67 -9.08 37.98
CA PHE A 291 9.65 -8.10 38.48
C PHE A 291 9.05 -7.23 39.58
N ARG A 292 7.79 -6.83 39.43
CA ARG A 292 7.15 -6.03 40.46
C ARG A 292 6.93 -6.83 41.74
N ALA A 293 6.43 -8.06 41.62
CA ALA A 293 6.11 -8.87 42.79
C ALA A 293 7.34 -9.27 43.59
N HIS A 294 8.53 -9.24 42.98
CA HIS A 294 9.77 -9.50 43.72
C HIS A 294 10.37 -8.22 44.30
N ALA A 295 10.46 -7.16 43.50
CA ALA A 295 10.85 -5.87 44.05
C ALA A 295 9.93 -5.46 45.20
N ALA A 296 8.68 -5.91 45.16
CA ALA A 296 7.74 -5.65 46.24
C ALA A 296 8.17 -6.31 47.54
N GLU A 297 8.22 -7.65 47.57
CA GLU A 297 8.52 -8.35 48.80
C GLU A 297 10.01 -8.64 48.97
N TRP A 298 10.86 -7.98 48.18
CA TRP A 298 12.25 -7.79 48.55
C TRP A 298 12.43 -6.53 49.37
N THR A 299 11.71 -5.47 49.01
CA THR A 299 11.75 -4.21 49.74
C THR A 299 10.89 -4.28 51.00
N ALA A 300 9.78 -5.01 50.96
CA ALA A 300 9.01 -5.26 52.17
C ALA A 300 9.84 -5.93 53.25
N ASN A 301 10.88 -6.65 52.87
CA ASN A 301 11.85 -7.18 53.81
C ASN A 301 12.83 -6.07 54.18
N VAL A 302 12.78 -5.63 55.43
CA VAL A 302 13.59 -4.52 55.88
C VAL A 302 14.68 -4.97 56.85
N SER B 16 -17.50 -36.74 4.24
CA SER B 16 -17.32 -36.04 2.97
C SER B 16 -16.58 -34.72 3.15
N ASP B 17 -15.25 -34.81 3.27
CA ASP B 17 -14.39 -33.64 3.41
C ASP B 17 -14.06 -33.02 2.05
N SER B 18 -13.86 -33.84 1.02
CA SER B 18 -13.60 -33.32 -0.31
C SER B 18 -14.86 -32.91 -1.04
N ALA B 19 -16.04 -33.19 -0.47
CA ALA B 19 -17.28 -32.72 -1.09
C ALA B 19 -17.41 -31.21 -1.01
N ILE B 20 -17.02 -30.62 0.13
CA ILE B 20 -17.08 -29.17 0.25
C ILE B 20 -15.88 -28.52 -0.44
N ASN B 21 -14.75 -29.22 -0.50
CA ASN B 21 -13.57 -28.65 -1.15
C ASN B 21 -13.78 -28.53 -2.65
N VAL B 22 -14.48 -29.49 -3.26
CA VAL B 22 -14.84 -29.35 -4.67
C VAL B 22 -15.82 -28.21 -4.86
N MET B 23 -16.77 -28.06 -3.93
CA MET B 23 -17.67 -26.91 -3.97
C MET B 23 -16.92 -25.60 -3.77
N LYS B 24 -15.86 -25.60 -2.95
CA LYS B 24 -15.09 -24.39 -2.75
C LYS B 24 -14.33 -23.99 -4.00
N TRP B 25 -13.61 -24.94 -4.61
CA TRP B 25 -12.81 -24.61 -5.79
C TRP B 25 -13.69 -24.11 -6.93
N LYS B 26 -14.93 -24.59 -7.01
CA LYS B 26 -15.88 -24.07 -7.98
C LYS B 26 -16.17 -22.59 -7.71
N THR B 27 -16.29 -22.22 -6.43
CA THR B 27 -16.55 -20.83 -6.09
C THR B 27 -15.35 -19.95 -6.40
N VAL B 28 -14.14 -20.42 -6.04
CA VAL B 28 -12.94 -19.60 -6.23
C VAL B 28 -12.69 -19.35 -7.71
N SER B 29 -12.85 -20.37 -8.54
CA SER B 29 -12.54 -20.24 -9.96
C SER B 29 -13.50 -19.28 -10.66
N THR B 30 -14.78 -19.25 -10.25
CA THR B 30 -15.70 -18.28 -10.82
C THR B 30 -15.36 -16.86 -10.38
N ILE B 31 -15.00 -16.69 -9.11
CA ILE B 31 -14.56 -15.38 -8.64
C ILE B 31 -13.30 -14.96 -9.39
N PHE B 32 -12.39 -15.90 -9.63
CA PHE B 32 -11.19 -15.64 -10.41
C PHE B 32 -11.53 -15.05 -11.77
N LEU B 33 -12.42 -15.74 -12.51
CA LEU B 33 -12.76 -15.27 -13.86
C LEU B 33 -13.48 -13.93 -13.82
N VAL B 34 -14.27 -13.67 -12.78
CA VAL B 34 -14.89 -12.35 -12.63
C VAL B 34 -13.82 -11.30 -12.36
N VAL B 35 -12.78 -11.66 -11.61
CA VAL B 35 -11.68 -10.73 -11.38
C VAL B 35 -10.87 -10.52 -12.67
N VAL B 36 -10.62 -11.61 -13.40
CA VAL B 36 -9.94 -11.48 -14.69
C VAL B 36 -10.72 -10.57 -15.61
N LEU B 37 -12.04 -10.69 -15.62
CA LEU B 37 -12.86 -9.90 -16.54
C LEU B 37 -13.09 -8.48 -16.00
N TYR B 38 -13.07 -8.30 -14.68
CA TYR B 38 -13.10 -6.96 -14.11
C TYR B 38 -11.82 -6.20 -14.40
N LEU B 39 -10.68 -6.90 -14.45
CA LEU B 39 -9.43 -6.27 -14.81
C LEU B 39 -9.41 -5.88 -16.29
N ILE B 40 -10.03 -6.69 -17.15
CA ILE B 40 -10.06 -6.37 -18.58
C ILE B 40 -10.91 -5.13 -18.83
N ILE B 41 -12.09 -5.08 -18.21
CA ILE B 41 -12.96 -3.92 -18.39
C ILE B 41 -12.27 -2.66 -17.90
N GLY B 42 -11.71 -2.70 -16.69
CA GLY B 42 -10.99 -1.55 -16.19
C GLY B 42 -9.82 -1.14 -17.06
N ALA B 43 -9.06 -2.13 -17.54
CA ALA B 43 -7.91 -1.83 -18.39
C ALA B 43 -8.31 -1.04 -19.63
N THR B 44 -9.38 -1.46 -20.30
CA THR B 44 -9.82 -0.75 -21.49
C THR B 44 -10.34 0.65 -21.15
N VAL B 45 -11.01 0.79 -19.99
CA VAL B 45 -11.57 2.08 -19.63
C VAL B 45 -10.46 3.06 -19.26
N PHE B 46 -9.38 2.59 -18.61
CA PHE B 46 -8.26 3.48 -18.35
C PHE B 46 -7.49 3.80 -19.62
N LYS B 47 -7.30 2.81 -20.49
CA LYS B 47 -6.63 3.07 -21.77
C LYS B 47 -7.42 4.08 -22.61
N ALA B 48 -8.75 4.01 -22.55
CA ALA B 48 -9.55 5.00 -23.25
C ALA B 48 -9.39 6.39 -22.64
N LEU B 49 -9.34 6.47 -21.30
CA LEU B 49 -9.28 7.76 -20.63
C LEU B 49 -7.89 8.37 -20.64
N GLU B 50 -6.84 7.56 -20.74
CA GLU B 50 -5.48 8.05 -20.50
C GLU B 50 -4.54 7.96 -21.70
N GLN B 51 -4.82 7.11 -22.68
CA GLN B 51 -3.97 7.07 -23.87
C GLN B 51 -3.92 8.39 -24.61
N PRO B 52 -5.05 9.05 -24.94
CA PRO B 52 -4.96 10.26 -25.78
C PRO B 52 -4.18 11.38 -25.13
N GLN B 53 -4.52 11.75 -23.89
CA GLN B 53 -3.80 12.81 -23.19
C GLN B 53 -2.32 12.47 -23.02
N GLU B 54 -1.98 11.18 -23.03
CA GLU B 54 -0.57 10.79 -23.03
C GLU B 54 0.10 11.14 -24.36
N ILE B 55 -0.55 10.83 -25.47
CA ILE B 55 0.06 11.01 -26.79
C ILE B 55 0.26 12.50 -27.08
N SER B 56 -0.76 13.32 -26.82
CA SER B 56 -0.61 14.76 -27.06
C SER B 56 0.49 15.37 -26.21
N GLN B 57 0.74 14.81 -25.03
CA GLN B 57 1.84 15.30 -24.20
C GLN B 57 3.19 14.72 -24.63
N ARG B 58 3.21 13.47 -25.11
CA ARG B 58 4.47 12.88 -25.55
C ARG B 58 4.87 13.34 -26.94
N THR B 59 3.94 13.90 -27.73
CA THR B 59 4.33 14.53 -28.98
C THR B 59 4.81 15.96 -28.75
N THR B 60 4.08 16.73 -27.94
CA THR B 60 4.47 18.10 -27.64
C THR B 60 5.64 18.20 -26.68
N ILE B 61 6.18 17.07 -26.21
CA ILE B 61 7.46 17.08 -25.51
C ILE B 61 8.61 16.76 -26.46
N VAL B 62 8.33 16.09 -27.58
CA VAL B 62 9.31 16.01 -28.65
C VAL B 62 9.41 17.35 -29.38
N ILE B 63 8.32 18.10 -29.41
CA ILE B 63 8.34 19.46 -29.95
C ILE B 63 9.30 20.32 -29.14
N GLN B 64 9.16 20.32 -27.82
CA GLN B 64 10.10 21.04 -26.97
C GLN B 64 11.50 20.47 -27.08
N ARG B 65 11.62 19.16 -27.34
CA ARG B 65 12.93 18.53 -27.47
C ARG B 65 13.71 19.15 -28.62
N GLU B 66 13.15 19.11 -29.83
CA GLU B 66 13.85 19.65 -31.00
C GLU B 66 14.10 21.15 -30.92
N LYS B 67 13.33 21.89 -30.12
CA LYS B 67 13.61 23.32 -30.01
C LYS B 67 14.94 23.57 -29.31
N PHE B 68 15.37 22.67 -28.42
CA PHE B 68 16.68 22.74 -27.82
C PHE B 68 17.61 21.63 -28.27
N LEU B 69 17.19 20.76 -29.18
CA LEU B 69 18.14 19.89 -29.85
C LEU B 69 19.01 20.66 -30.82
N ARG B 70 18.38 21.47 -31.68
CA ARG B 70 19.07 22.16 -32.75
C ARG B 70 19.45 23.61 -32.42
N ALA B 71 18.79 24.23 -31.43
CA ALA B 71 19.20 25.56 -31.01
C ALA B 71 20.50 25.56 -30.22
N HIS B 72 21.06 24.38 -29.93
CA HIS B 72 22.39 24.26 -29.33
C HIS B 72 23.08 23.06 -29.94
N PRO B 73 23.58 23.20 -31.18
CA PRO B 73 24.26 22.07 -31.82
C PRO B 73 25.56 21.70 -31.15
N CYS B 74 26.24 22.66 -30.52
CA CYS B 74 27.49 22.42 -29.81
C CYS B 74 27.33 21.53 -28.58
N VAL B 75 26.14 21.07 -28.26
CA VAL B 75 25.95 19.97 -27.31
C VAL B 75 25.89 18.68 -28.09
N SER B 76 26.62 17.66 -27.63
CA SER B 76 26.78 16.44 -28.41
C SER B 76 25.47 15.85 -28.89
N ASP B 77 24.37 16.11 -28.16
CA ASP B 77 22.98 15.79 -28.47
C ASP B 77 22.74 14.29 -28.34
N GLN B 78 23.79 13.52 -28.17
CA GLN B 78 23.72 12.16 -27.67
C GLN B 78 23.93 12.11 -26.17
N GLU B 79 24.47 13.19 -25.61
CA GLU B 79 24.69 13.36 -24.19
C GLU B 79 23.57 14.13 -23.52
N LEU B 80 22.66 14.72 -24.30
CA LEU B 80 21.48 15.34 -23.72
C LEU B 80 20.54 14.30 -23.16
N ASP B 81 20.27 13.25 -23.92
CA ASP B 81 19.41 12.18 -23.42
C ASP B 81 20.09 11.37 -22.34
N GLU B 82 21.41 11.47 -22.23
CA GLU B 82 22.13 10.95 -21.07
C GLU B 82 22.07 11.92 -19.89
N LEU B 83 22.03 13.22 -20.15
CA LEU B 83 21.79 14.20 -19.10
C LEU B 83 20.44 13.98 -18.44
N ILE B 84 19.40 13.82 -19.26
CA ILE B 84 18.04 13.67 -18.73
C ILE B 84 17.90 12.37 -17.94
N GLN B 85 18.60 11.31 -18.35
CA GLN B 85 18.66 10.11 -17.51
C GLN B 85 19.27 10.42 -16.15
N GLN B 86 20.36 11.17 -16.13
CA GLN B 86 21.04 11.47 -14.87
C GLN B 86 20.25 12.42 -13.99
N ILE B 87 19.27 13.12 -14.56
CA ILE B 87 18.36 13.96 -13.78
C ILE B 87 17.18 13.15 -13.27
N VAL B 88 16.56 12.35 -14.13
CA VAL B 88 15.43 11.51 -13.71
C VAL B 88 15.91 10.44 -12.73
N ALA B 89 17.12 9.92 -12.92
CA ALA B 89 17.65 8.96 -11.96
C ALA B 89 17.84 9.61 -10.59
N ALA B 90 18.28 10.87 -10.57
CA ALA B 90 18.49 11.58 -9.32
C ALA B 90 17.24 12.29 -8.81
N ILE B 91 16.22 12.47 -9.66
CA ILE B 91 14.97 13.07 -9.19
C ILE B 91 14.22 12.10 -8.29
N ASN B 92 14.53 10.80 -8.38
CA ASN B 92 13.90 9.82 -7.51
C ASN B 92 14.28 10.04 -6.06
N ALA B 93 15.50 10.52 -5.81
CA ALA B 93 15.91 10.87 -4.46
C ALA B 93 15.29 12.17 -3.97
N GLY B 94 14.78 13.00 -4.87
CA GLY B 94 14.16 14.25 -4.48
C GLY B 94 15.08 15.46 -4.58
N ILE B 95 15.77 15.61 -5.70
CA ILE B 95 16.74 16.69 -5.89
C ILE B 95 16.02 17.95 -6.36
N ILE B 96 16.65 19.09 -6.09
CA ILE B 96 16.23 20.39 -6.64
C ILE B 96 17.45 20.98 -7.32
N PRO B 97 17.88 20.44 -8.47
CA PRO B 97 19.17 20.84 -9.07
C PRO B 97 19.10 22.19 -9.78
N LEU B 98 19.22 23.26 -9.01
CA LEU B 98 19.13 24.60 -9.56
C LEU B 98 20.17 25.50 -8.91
N GLY B 99 20.61 26.50 -9.66
CA GLY B 99 21.56 27.48 -9.17
C GLY B 99 20.89 28.62 -8.44
N ALA B 100 19.73 29.05 -8.94
CA ALA B 100 18.94 30.07 -8.28
C ALA B 100 18.25 29.56 -7.03
N SER B 101 18.27 28.24 -6.80
CA SER B 101 17.81 27.65 -5.54
C SER B 101 18.68 26.41 -5.30
N SER B 102 19.77 26.61 -4.55
CA SER B 102 20.73 25.55 -4.30
C SER B 102 20.79 25.11 -2.85
N ASN B 103 20.30 25.93 -1.91
CA ASN B 103 20.09 25.48 -0.54
C ASN B 103 18.78 24.70 -0.47
N GLN B 104 18.77 23.65 0.35
CA GLN B 104 17.82 22.56 0.16
C GLN B 104 17.35 22.02 1.50
N VAL B 105 16.06 21.69 1.57
CA VAL B 105 15.50 20.99 2.73
C VAL B 105 15.80 19.50 2.60
N SER B 106 15.87 18.81 3.74
CA SER B 106 16.21 17.40 3.76
C SER B 106 14.95 16.54 3.67
N HIS B 107 15.05 15.44 2.93
CA HIS B 107 13.95 14.48 2.81
C HIS B 107 13.98 13.39 3.88
N TRP B 108 15.08 13.24 4.59
CA TRP B 108 15.19 12.26 5.67
C TRP B 108 15.43 12.93 7.01
N ASP B 109 14.80 14.08 7.22
CA ASP B 109 15.02 14.86 8.44
C ASP B 109 14.28 14.19 9.60
N LEU B 110 14.21 14.89 10.72
CA LEU B 110 13.63 14.31 11.93
C LEU B 110 12.19 13.86 11.72
N GLY B 111 11.44 14.59 10.89
CA GLY B 111 10.02 14.34 10.76
C GLY B 111 9.59 13.57 9.52
N SER B 112 10.39 13.63 8.46
CA SER B 112 10.01 12.96 7.22
C SER B 112 10.24 11.45 7.31
N SER B 113 11.33 11.02 7.96
CA SER B 113 11.50 9.60 8.23
C SER B 113 10.47 9.07 9.22
N PHE B 114 9.84 9.96 9.99
CA PHE B 114 8.69 9.59 10.79
C PHE B 114 7.48 9.36 9.90
N PHE B 115 7.22 10.31 9.00
CA PHE B 115 6.27 10.10 7.90
C PHE B 115 6.55 8.82 7.14
N PHE B 116 7.81 8.62 6.72
CA PHE B 116 8.16 7.43 5.95
C PHE B 116 7.79 6.16 6.70
N ALA B 117 8.19 6.04 7.96
CA ALA B 117 7.83 4.88 8.76
C ALA B 117 6.32 4.69 8.83
N GLY B 118 5.56 5.79 8.78
CA GLY B 118 4.12 5.68 8.73
C GLY B 118 3.62 5.04 7.46
N THR B 119 4.19 5.44 6.31
CA THR B 119 3.80 4.84 5.04
C THR B 119 4.13 3.35 4.98
N VAL B 120 5.09 2.90 5.79
CA VAL B 120 5.47 1.50 5.76
C VAL B 120 4.47 0.65 6.54
N ILE B 121 4.21 1.01 7.80
CA ILE B 121 3.35 0.17 8.63
C ILE B 121 1.89 0.25 8.20
N THR B 122 1.46 1.41 7.69
CA THR B 122 0.10 1.52 7.18
C THR B 122 -0.05 0.88 5.80
N THR B 123 1.05 0.46 5.19
CA THR B 123 1.10 -0.06 3.83
C THR B 123 0.52 0.91 2.80
N ILE B 124 0.37 2.18 3.17
CA ILE B 124 0.02 3.18 2.17
C ILE B 124 1.14 3.29 1.15
N GLY B 125 2.37 3.50 1.62
CA GLY B 125 3.55 3.49 0.78
C GLY B 125 3.48 4.43 -0.41
N PHE B 126 3.37 5.73 -0.15
CA PHE B 126 3.34 6.70 -1.24
C PHE B 126 4.57 6.56 -2.13
N GLY B 127 5.73 6.36 -1.53
CA GLY B 127 6.94 6.13 -2.29
C GLY B 127 7.69 7.37 -2.72
N ASN B 128 7.15 8.56 -2.46
CA ASN B 128 7.91 9.79 -2.72
C ASN B 128 9.26 9.77 -2.02
N ILE B 129 9.32 9.15 -0.84
CA ILE B 129 10.55 8.95 -0.10
C ILE B 129 10.69 7.45 0.14
N SER B 130 11.80 6.87 -0.31
CA SER B 130 12.06 5.45 -0.18
C SER B 130 13.55 5.27 0.10
N PRO B 131 13.93 4.17 0.77
CA PRO B 131 15.34 4.01 1.13
C PRO B 131 16.22 3.73 -0.08
N ARG B 132 17.45 4.22 0.00
CA ARG B 132 18.46 4.01 -1.04
C ARG B 132 19.64 3.17 -0.57
N THR B 133 19.97 3.22 0.71
CA THR B 133 21.07 2.42 1.24
C THR B 133 20.64 0.95 1.36
N GLU B 134 21.61 0.05 1.16
CA GLU B 134 21.33 -1.36 1.42
C GLU B 134 20.92 -1.61 2.86
N GLY B 135 21.43 -0.81 3.79
CA GLY B 135 20.99 -0.93 5.18
C GLY B 135 19.57 -0.44 5.38
N GLY B 136 19.23 0.70 4.76
CA GLY B 136 17.88 1.21 4.85
C GLY B 136 16.85 0.26 4.26
N LYS B 137 17.26 -0.54 3.27
CA LYS B 137 16.35 -1.51 2.67
C LYS B 137 16.19 -2.74 3.57
N ILE B 138 17.28 -3.22 4.16
CA ILE B 138 17.20 -4.37 5.05
C ILE B 138 16.41 -4.02 6.31
N PHE B 139 16.62 -2.82 6.85
CA PHE B 139 15.81 -2.40 7.98
C PHE B 139 14.36 -2.18 7.59
N CYS B 140 14.11 -1.71 6.36
CA CYS B 140 12.74 -1.50 5.91
C CYS B 140 11.99 -2.82 5.78
N ILE B 141 12.69 -3.89 5.39
CA ILE B 141 12.07 -5.21 5.35
C ILE B 141 11.69 -5.67 6.76
N ILE B 142 12.63 -5.54 7.70
CA ILE B 142 12.36 -5.93 9.08
C ILE B 142 11.32 -5.01 9.70
N TYR B 143 11.41 -3.71 9.42
CA TYR B 143 10.49 -2.75 10.02
C TYR B 143 9.05 -3.00 9.56
N ALA B 144 8.89 -3.54 8.34
CA ALA B 144 7.56 -3.79 7.81
C ALA B 144 6.99 -5.11 8.31
N LEU B 145 7.82 -6.16 8.34
CA LEU B 145 7.33 -7.48 8.78
C LEU B 145 6.86 -7.45 10.22
N LEU B 146 7.40 -6.55 11.04
CA LEU B 146 6.96 -6.36 12.41
C LEU B 146 5.95 -5.24 12.55
N GLY B 147 6.12 -4.14 11.81
CA GLY B 147 5.27 -2.99 12.00
C GLY B 147 3.87 -3.17 11.46
N ILE B 148 3.74 -3.88 10.33
CA ILE B 148 2.41 -4.09 9.74
C ILE B 148 1.50 -4.87 10.66
N PRO B 149 1.91 -6.00 11.26
CA PRO B 149 1.04 -6.63 12.26
C PRO B 149 0.79 -5.75 13.48
N LEU B 150 1.84 -5.09 13.98
CA LEU B 150 1.68 -4.21 15.13
C LEU B 150 0.63 -3.14 14.87
N PHE B 151 0.79 -2.40 13.77
CA PHE B 151 -0.16 -1.34 13.45
C PHE B 151 -1.56 -1.88 13.25
N GLY B 152 -1.68 -3.15 12.83
CA GLY B 152 -3.00 -3.75 12.67
C GLY B 152 -3.77 -3.84 13.96
N PHE B 153 -3.08 -4.06 15.08
CA PHE B 153 -3.76 -4.08 16.38
C PHE B 153 -4.27 -2.69 16.73
N LEU B 154 -3.43 -1.67 16.56
CA LEU B 154 -3.87 -0.29 16.78
C LEU B 154 -5.09 0.05 15.94
N LEU B 155 -5.01 -0.24 14.64
CA LEU B 155 -6.12 0.07 13.74
C LEU B 155 -7.37 -0.73 14.12
N ALA B 156 -7.19 -1.92 14.69
CA ALA B 156 -8.35 -2.68 15.16
C ALA B 156 -9.00 -2.02 16.35
N GLY B 157 -8.20 -1.59 17.34
CA GLY B 157 -8.75 -0.89 18.48
C GLY B 157 -9.39 0.44 18.11
N VAL B 158 -8.78 1.15 17.15
CA VAL B 158 -9.37 2.39 16.66
C VAL B 158 -10.72 2.10 16.00
N GLY B 159 -10.83 0.96 15.31
CA GLY B 159 -12.13 0.56 14.79
C GLY B 159 -13.11 0.22 15.89
N ASP B 160 -12.63 -0.45 16.94
CA ASP B 160 -13.47 -0.74 18.10
C ASP B 160 -13.98 0.53 18.75
N GLN B 161 -13.07 1.43 19.13
CA GLN B 161 -13.46 2.68 19.79
C GLN B 161 -14.41 3.49 18.92
N LEU B 162 -14.10 3.61 17.63
CA LEU B 162 -14.97 4.35 16.73
C LEU B 162 -16.30 3.63 16.49
N GLY B 163 -16.35 2.33 16.74
CA GLY B 163 -17.59 1.59 16.65
C GLY B 163 -18.50 1.82 17.83
N THR B 164 -17.91 1.82 19.04
CA THR B 164 -18.71 2.05 20.24
C THR B 164 -19.21 3.48 20.32
N ILE B 165 -18.51 4.43 19.69
CA ILE B 165 -19.01 5.80 19.63
C ILE B 165 -20.26 5.88 18.75
N PHE B 166 -20.23 5.20 17.61
CA PHE B 166 -21.41 5.17 16.74
C PHE B 166 -22.52 4.30 17.33
N GLY B 167 -22.16 3.32 18.17
CA GLY B 167 -23.18 2.54 18.87
C GLY B 167 -23.96 3.39 19.87
N LYS B 168 -23.26 4.29 20.56
CA LYS B 168 -23.94 5.24 21.42
C LYS B 168 -24.80 6.21 20.62
N GLY B 169 -24.37 6.53 19.40
CA GLY B 169 -25.13 7.47 18.58
C GLY B 169 -26.44 6.90 18.10
N ILE B 170 -26.43 5.63 17.65
CA ILE B 170 -27.66 5.01 17.18
C ILE B 170 -28.54 4.48 18.30
N ALA B 171 -28.02 4.38 19.52
CA ALA B 171 -28.90 4.14 20.65
C ALA B 171 -29.83 5.31 20.88
N LYS B 172 -29.36 6.52 20.60
CA LYS B 172 -30.19 7.72 20.73
C LYS B 172 -31.08 7.93 19.52
N VAL B 173 -30.61 7.56 18.32
CA VAL B 173 -31.35 7.83 17.10
C VAL B 173 -32.33 6.70 16.75
N GLU B 174 -32.06 5.48 17.18
CA GLU B 174 -33.02 4.40 17.04
C GLU B 174 -34.03 4.37 18.18
N ASP B 175 -34.10 5.42 18.98
CA ASP B 175 -35.13 5.59 20.00
C ASP B 175 -36.15 6.65 19.62
N THR B 176 -35.70 7.76 19.03
CA THR B 176 -36.63 8.80 18.58
C THR B 176 -37.33 8.40 17.28
N PHE B 177 -36.65 7.68 16.40
CA PHE B 177 -37.31 7.12 15.22
C PHE B 177 -37.98 5.80 15.51
N ILE B 178 -38.82 5.79 16.55
CA ILE B 178 -39.71 4.67 16.84
C ILE B 178 -41.12 5.22 16.79
N LYS B 179 -41.72 5.20 15.61
CA LYS B 179 -43.09 5.60 15.40
C LYS B 179 -43.98 4.36 15.37
N TRP B 180 -45.23 4.54 14.95
CA TRP B 180 -46.17 3.42 14.91
C TRP B 180 -45.67 2.36 13.94
N VAL B 182 -42.83 0.27 13.48
CA VAL B 182 -41.39 0.12 13.37
C VAL B 182 -40.98 -1.34 13.37
N SER B 183 -40.16 -1.71 12.40
CA SER B 183 -39.60 -3.04 12.28
C SER B 183 -38.11 -3.02 12.60
N GLN B 184 -37.59 -4.15 13.04
CA GLN B 184 -36.19 -4.21 13.46
C GLN B 184 -35.24 -4.22 12.26
N THR B 185 -35.51 -5.08 11.28
CA THR B 185 -34.56 -5.28 10.19
C THR B 185 -34.58 -4.15 9.16
N LYS B 186 -35.63 -3.33 9.13
CA LYS B 186 -35.66 -2.20 8.21
C LYS B 186 -34.94 -0.98 8.75
N ILE B 187 -34.87 -0.81 10.07
CA ILE B 187 -34.12 0.30 10.63
C ILE B 187 -32.62 0.06 10.52
N ARG B 188 -32.20 -1.20 10.33
CA ARG B 188 -30.81 -1.46 9.96
C ARG B 188 -30.43 -0.68 8.71
N ILE B 189 -31.37 -0.52 7.78
CA ILE B 189 -31.11 0.27 6.57
C ILE B 189 -30.87 1.73 6.93
N ILE B 190 -31.68 2.28 7.84
CA ILE B 190 -31.56 3.68 8.21
C ILE B 190 -30.22 3.94 8.89
N SER B 191 -29.70 2.95 9.62
CA SER B 191 -28.44 3.14 10.34
C SER B 191 -27.25 3.19 9.39
N THR B 192 -27.19 2.26 8.43
CA THR B 192 -26.07 2.25 7.49
C THR B 192 -26.05 3.50 6.62
N ILE B 193 -27.19 4.16 6.43
CA ILE B 193 -27.21 5.40 5.67
C ILE B 193 -26.55 6.52 6.47
N ILE B 194 -26.89 6.62 7.76
CA ILE B 194 -26.31 7.67 8.58
C ILE B 194 -24.84 7.41 8.85
N PHE B 195 -24.39 6.16 8.73
CA PHE B 195 -22.96 5.85 8.81
C PHE B 195 -22.23 6.33 7.56
N ILE B 196 -22.79 6.07 6.38
CA ILE B 196 -22.16 6.52 5.15
C ILE B 196 -22.19 8.03 5.04
N LEU B 197 -23.32 8.65 5.43
CA LEU B 197 -23.47 10.09 5.25
C LEU B 197 -22.55 10.86 6.20
N PHE B 198 -22.66 10.60 7.50
CA PHE B 198 -21.73 11.22 8.46
C PHE B 198 -20.29 10.82 8.17
N GLY B 199 -20.06 9.57 7.79
CA GLY B 199 -18.70 9.13 7.56
C GLY B 199 -18.02 9.90 6.43
N CYS B 200 -18.72 10.04 5.30
CA CYS B 200 -18.15 10.77 4.17
C CYS B 200 -17.90 12.24 4.52
N VAL B 201 -18.63 12.78 5.48
CA VAL B 201 -18.42 14.17 5.89
C VAL B 201 -17.13 14.29 6.69
N LEU B 202 -17.02 13.51 7.78
CA LEU B 202 -15.88 13.68 8.68
C LEU B 202 -14.59 13.13 8.09
N PHE B 203 -14.67 12.15 7.19
CA PHE B 203 -13.48 11.44 6.75
C PHE B 203 -13.16 11.61 5.28
N VAL B 204 -14.07 12.16 4.48
CA VAL B 204 -13.80 12.40 3.07
C VAL B 204 -14.02 13.86 2.73
N ALA B 205 -15.23 14.36 3.00
CA ALA B 205 -15.60 15.71 2.59
C ALA B 205 -14.80 16.76 3.35
N LEU B 206 -14.93 16.79 4.69
CA LEU B 206 -14.26 17.82 5.48
C LEU B 206 -12.75 17.81 5.31
N PRO B 207 -12.04 16.68 5.41
CA PRO B 207 -10.58 16.74 5.21
C PRO B 207 -10.18 17.19 3.82
N ALA B 208 -10.89 16.74 2.78
CA ALA B 208 -10.57 17.15 1.42
C ALA B 208 -10.70 18.66 1.26
N VAL B 209 -11.69 19.26 1.91
CA VAL B 209 -11.82 20.71 1.90
C VAL B 209 -10.58 21.37 2.50
N ILE B 210 -10.09 20.81 3.62
CA ILE B 210 -8.89 21.34 4.24
C ILE B 210 -7.67 21.14 3.36
N PHE B 211 -7.60 20.00 2.66
CA PHE B 211 -6.48 19.79 1.72
C PHE B 211 -6.58 20.75 0.54
N LYS B 212 -7.81 21.02 0.07
CA LYS B 212 -7.99 21.93 -1.06
C LYS B 212 -7.41 23.31 -0.76
N HIS B 213 -7.64 23.82 0.45
CA HIS B 213 -7.09 25.11 0.83
C HIS B 213 -5.59 25.02 1.10
N ILE B 214 -5.18 24.14 2.01
CA ILE B 214 -3.81 24.16 2.50
C ILE B 214 -2.85 23.66 1.43
N GLU B 215 -3.17 22.54 0.78
CA GLU B 215 -2.28 22.01 -0.24
C GLU B 215 -2.45 22.69 -1.60
N GLY B 216 -3.50 23.47 -1.79
CA GLY B 216 -3.74 24.11 -3.07
C GLY B 216 -4.19 23.17 -4.16
N TRP B 217 -4.74 22.02 -3.80
CA TRP B 217 -5.21 21.04 -4.76
C TRP B 217 -6.57 21.44 -5.30
N SER B 218 -6.97 20.81 -6.40
CA SER B 218 -8.33 20.95 -6.87
C SER B 218 -9.27 20.15 -5.98
N ALA B 219 -10.57 20.43 -6.09
CA ALA B 219 -11.55 19.69 -5.30
C ALA B 219 -11.53 18.21 -5.64
N LEU B 220 -11.25 17.87 -6.91
CA LEU B 220 -11.18 16.47 -7.29
C LEU B 220 -9.93 15.80 -6.75
N ASP B 221 -8.77 16.46 -6.90
CA ASP B 221 -7.52 15.85 -6.47
C ASP B 221 -7.51 15.57 -4.97
N ALA B 222 -8.19 16.41 -4.18
CA ALA B 222 -8.24 16.20 -2.75
C ALA B 222 -9.02 14.93 -2.40
N ILE B 223 -10.24 14.79 -2.94
CA ILE B 223 -11.01 13.57 -2.74
C ILE B 223 -10.27 12.37 -3.34
N TYR B 224 -9.66 12.57 -4.51
CA TYR B 224 -8.81 11.53 -5.09
C TYR B 224 -7.69 11.14 -4.13
N PHE B 225 -7.02 12.14 -3.53
CA PHE B 225 -6.01 11.85 -2.52
C PHE B 225 -6.60 11.10 -1.33
N VAL B 226 -7.78 11.51 -0.87
CA VAL B 226 -8.40 10.86 0.28
C VAL B 226 -8.61 9.37 0.01
N VAL B 227 -9.25 9.07 -1.11
CA VAL B 227 -9.62 7.68 -1.41
C VAL B 227 -8.37 6.84 -1.65
N ILE B 228 -7.44 7.34 -2.46
CA ILE B 228 -6.21 6.59 -2.76
C ILE B 228 -5.42 6.33 -1.50
N THR B 229 -5.46 7.25 -0.53
CA THR B 229 -4.68 7.07 0.69
C THR B 229 -5.38 6.11 1.65
N LEU B 230 -6.66 6.35 1.94
CA LEU B 230 -7.34 5.58 2.97
C LEU B 230 -7.64 4.16 2.55
N THR B 231 -7.69 3.88 1.24
CA THR B 231 -7.73 2.51 0.76
C THR B 231 -6.36 1.84 0.78
N THR B 232 -5.32 2.57 1.20
CA THR B 232 -3.93 2.12 1.24
C THR B 232 -3.40 1.77 -0.15
N ILE B 233 -4.04 2.24 -1.22
CA ILE B 233 -3.44 2.13 -2.54
C ILE B 233 -2.13 2.90 -2.58
N GLY B 234 -2.17 4.18 -2.23
CA GLY B 234 -0.98 4.97 -2.03
C GLY B 234 -0.11 5.16 -3.25
N PHE B 235 -0.72 5.61 -4.35
CA PHE B 235 0.05 5.95 -5.55
C PHE B 235 1.23 6.84 -5.23
N GLY B 236 0.99 7.93 -4.50
CA GLY B 236 2.01 8.90 -4.22
C GLY B 236 2.08 10.04 -5.20
N ASP B 237 1.11 10.17 -6.12
CA ASP B 237 1.10 11.30 -7.03
C ASP B 237 0.68 12.58 -6.33
N TYR B 238 -0.11 12.46 -5.26
CA TYR B 238 -0.38 13.58 -4.37
C TYR B 238 -0.12 13.12 -2.94
N VAL B 239 0.58 13.95 -2.17
CA VAL B 239 0.94 13.61 -0.79
C VAL B 239 0.73 14.85 0.06
N ALA B 240 -0.05 14.71 1.13
CA ALA B 240 -0.25 15.80 2.07
C ALA B 240 1.04 16.05 2.85
N GLY B 241 1.45 17.32 2.91
CA GLY B 241 2.75 17.64 3.47
C GLY B 241 3.91 17.37 2.54
N GLY B 242 3.65 17.16 1.25
CA GLY B 242 4.68 16.75 0.32
C GLY B 242 5.43 17.90 -0.33
N SER B 243 4.92 19.11 -0.23
CA SER B 243 5.60 20.29 -0.71
C SER B 243 6.26 21.01 0.47
N ASP B 244 6.82 22.18 0.19
CA ASP B 244 7.57 22.94 1.18
C ASP B 244 6.82 24.15 1.70
N ILE B 245 5.51 24.26 1.46
CA ILE B 245 4.89 25.57 1.35
C ILE B 245 5.03 26.41 2.61
N GLU B 246 4.22 26.15 3.65
CA GLU B 246 4.46 26.80 4.93
C GLU B 246 4.26 25.84 6.11
N TYR B 247 3.17 25.07 6.06
CA TYR B 247 2.86 24.00 7.02
C TYR B 247 2.81 24.42 8.48
N LEU B 248 1.67 25.04 8.87
CA LEU B 248 1.34 25.45 10.23
C LEU B 248 1.88 24.51 11.30
N ASP B 249 1.86 23.20 11.02
CA ASP B 249 2.32 22.12 11.91
C ASP B 249 1.29 21.89 13.01
N PHE B 250 0.28 22.76 13.08
CA PHE B 250 -1.07 22.31 13.38
C PHE B 250 -1.53 21.25 12.40
N TYR B 251 -1.02 21.31 11.17
CA TYR B 251 -1.58 20.58 10.04
C TYR B 251 -1.17 19.11 10.06
N LYS B 252 0.13 18.84 10.02
CA LYS B 252 0.59 17.46 9.85
C LYS B 252 0.16 16.51 10.96
N PRO B 253 0.20 16.86 12.25
CA PRO B 253 -0.30 15.90 13.26
C PRO B 253 -1.79 15.66 13.17
N VAL B 254 -2.58 16.65 12.72
CA VAL B 254 -3.99 16.40 12.45
C VAL B 254 -4.14 15.36 11.34
N VAL B 255 -3.23 15.36 10.37
CA VAL B 255 -3.34 14.41 9.27
C VAL B 255 -2.98 13.00 9.75
N TRP B 256 -2.02 12.88 10.65
CA TRP B 256 -1.78 11.59 11.32
C TRP B 256 -3.05 11.06 11.97
N PHE B 257 -3.79 11.93 12.67
CA PHE B 257 -5.04 11.51 13.29
C PHE B 257 -6.08 11.15 12.24
N TRP B 258 -6.18 11.95 11.18
CA TRP B 258 -7.10 11.65 10.08
C TRP B 258 -6.85 10.26 9.51
N ILE B 259 -5.58 9.92 9.28
CA ILE B 259 -5.26 8.62 8.70
C ILE B 259 -5.60 7.50 9.66
N LEU B 260 -5.24 7.66 10.94
CA LEU B 260 -5.50 6.62 11.93
C LEU B 260 -6.99 6.31 12.02
N VAL B 261 -7.84 7.34 12.00
CA VAL B 261 -9.27 7.12 12.08
C VAL B 261 -9.87 6.88 10.69
N GLY B 262 -9.30 7.50 9.65
CA GLY B 262 -9.84 7.31 8.31
C GLY B 262 -9.59 5.93 7.76
N LEU B 263 -8.43 5.34 8.07
CA LEU B 263 -8.18 3.95 7.66
C LEU B 263 -9.15 3.00 8.32
N ALA B 264 -9.45 3.21 9.61
CA ALA B 264 -10.47 2.42 10.27
C ALA B 264 -11.82 2.58 9.59
N TYR B 265 -12.11 3.77 9.09
CA TYR B 265 -13.41 4.01 8.45
C TYR B 265 -13.52 3.28 7.13
N PHE B 266 -12.54 3.45 6.22
CA PHE B 266 -12.63 2.71 4.95
C PHE B 266 -12.56 1.21 5.15
N ALA B 267 -11.87 0.74 6.21
CA ALA B 267 -11.85 -0.68 6.48
C ALA B 267 -13.26 -1.23 6.67
N ALA B 268 -14.11 -0.48 7.38
CA ALA B 268 -15.51 -0.87 7.51
C ALA B 268 -16.27 -0.63 6.22
N VAL B 269 -16.03 0.51 5.56
CA VAL B 269 -16.75 0.83 4.33
C VAL B 269 -16.47 -0.21 3.26
N LEU B 270 -15.19 -0.50 3.01
CA LEU B 270 -14.84 -1.55 2.05
C LEU B 270 -15.47 -2.88 2.43
N SER B 271 -15.48 -3.19 3.73
CA SER B 271 -16.09 -4.45 4.17
C SER B 271 -17.59 -4.46 3.90
N MET B 272 -18.26 -3.32 4.13
CA MET B 272 -19.67 -3.20 3.76
C MET B 272 -19.88 -3.47 2.28
N ILE B 273 -19.09 -2.81 1.43
CA ILE B 273 -19.20 -3.01 -0.02
C ILE B 273 -19.02 -4.48 -0.35
N GLY B 274 -18.12 -5.16 0.37
CA GLY B 274 -17.93 -6.59 0.14
C GLY B 274 -19.19 -7.40 0.42
N ASP B 275 -19.89 -7.07 1.51
CA ASP B 275 -21.12 -7.79 1.82
C ASP B 275 -22.21 -7.48 0.81
N TRP B 276 -22.24 -6.26 0.28
CA TRP B 276 -23.18 -5.93 -0.79
C TRP B 276 -22.94 -6.81 -2.01
N LEU B 277 -21.66 -7.02 -2.36
CA LEU B 277 -21.33 -7.91 -3.46
C LEU B 277 -21.80 -9.33 -3.20
N ARG B 278 -21.62 -9.80 -1.97
CA ARG B 278 -22.13 -11.11 -1.57
C ARG B 278 -23.63 -11.21 -1.85
N VAL B 279 -24.38 -10.16 -1.50
CA VAL B 279 -25.82 -10.17 -1.71
C VAL B 279 -26.14 -10.11 -3.19
N ILE B 280 -25.54 -9.15 -3.91
CA ILE B 280 -25.76 -9.04 -5.35
C ILE B 280 -25.35 -10.33 -6.06
N ALA B 281 -24.31 -11.00 -5.57
CA ALA B 281 -23.92 -12.28 -6.15
C ALA B 281 -25.04 -13.31 -5.98
N LYS B 282 -25.63 -13.38 -4.79
CA LYS B 282 -26.74 -14.31 -4.57
C LYS B 282 -27.94 -13.95 -5.44
N LYS B 283 -28.27 -12.66 -5.52
CA LYS B 283 -29.41 -12.23 -6.34
C LYS B 283 -29.18 -12.52 -7.82
N THR B 284 -27.98 -12.26 -8.32
CA THR B 284 -27.70 -12.52 -9.73
C THR B 284 -27.54 -14.01 -10.01
N LYS B 285 -27.04 -14.78 -9.05
CA LYS B 285 -26.90 -16.22 -9.26
C LYS B 285 -28.26 -16.89 -9.39
N GLU B 286 -29.25 -16.44 -8.61
CA GLU B 286 -30.59 -16.99 -8.70
C GLU B 286 -31.38 -16.40 -9.87
N ALA B 287 -31.04 -15.20 -10.32
CA ALA B 287 -31.68 -14.63 -11.50
C ALA B 287 -31.32 -15.43 -12.75
N VAL B 288 -30.07 -15.85 -12.88
CA VAL B 288 -29.67 -16.71 -13.99
C VAL B 288 -30.41 -18.04 -13.92
N GLY B 289 -30.61 -18.56 -12.71
CA GLY B 289 -31.41 -19.77 -12.57
C GLY B 289 -32.85 -19.56 -12.99
N GLU B 290 -33.39 -18.37 -12.71
CA GLU B 290 -34.72 -18.01 -13.19
C GLU B 290 -34.74 -17.89 -14.71
N PHE B 291 -33.79 -17.12 -15.27
CA PHE B 291 -33.72 -16.93 -16.71
C PHE B 291 -33.61 -18.26 -17.46
N ARG B 292 -32.80 -19.18 -16.94
CA ARG B 292 -32.71 -20.49 -17.55
C ARG B 292 -34.06 -21.20 -17.51
N ALA B 293 -34.55 -21.49 -16.30
CA ALA B 293 -35.73 -22.34 -16.12
C ALA B 293 -36.95 -21.82 -16.86
N HIS B 294 -36.99 -20.54 -17.23
CA HIS B 294 -38.09 -20.02 -18.04
C HIS B 294 -37.80 -20.20 -19.53
N ALA B 295 -36.72 -19.58 -20.02
CA ALA B 295 -36.32 -19.67 -21.43
C ALA B 295 -37.49 -19.34 -22.36
N ALA B 296 -38.09 -18.17 -22.15
CA ALA B 296 -39.25 -17.72 -22.92
C ALA B 296 -40.41 -18.70 -22.77
N GLU B 297 -40.92 -18.77 -21.54
CA GLU B 297 -42.05 -19.61 -21.15
C GLU B 297 -41.68 -21.09 -21.18
K K C . 3.69 4.26 -4.55
K K D . 0.19 0.53 -1.14
C10 Q6F E . 3.88 -4.44 -15.69
C13 Q6F E . 3.39 -5.86 -15.25
C15 Q6F E . 3.61 -3.83 -16.88
C17 Q6F E . 4.13 -2.53 -17.12
C20 Q6F E . 5.85 1.86 -17.93
C21 Q6F E . 1.98 -5.98 -10.43
C22 Q6F E . 0.32 -7.15 -11.71
C09 Q6F E . 3.65 -7.62 -13.41
C11 Q6F E . 4.90 -1.90 -16.15
C12 Q6F E . 2.60 -7.20 -12.41
C14 Q6F E . 4.65 -3.80 -14.72
C16 Q6F E . 5.15 -2.54 -14.96
C18 Q6F E . 2.95 -6.39 -11.32
C19 Q6F E . 1.28 -7.56 -12.61
C23 Q6F E . 0.68 -6.37 -10.62
N07 Q6F E . 3.99 -6.36 -14.04
N08 Q6F E . 5.38 -0.55 -16.55
O04 Q6F E . 2.56 -6.48 -15.86
O05 Q6F E . 5.00 -0.41 -19.12
O06 Q6F E . 3.47 0.63 -17.82
S03 Q6F E . 4.89 0.33 -17.88
CL1 Q6F E . 4.64 -5.91 -11.06
CL2 Q6F E . -0.58 -5.86 -9.49
O19 16C F . 1.86 -3.65 25.99
C19 16C F . 2.77 -4.41 26.00
N2 16C F . 3.62 -4.55 27.19
C2 16C F . 3.37 -3.77 28.39
C1 16C F . 2.86 -4.68 29.51
O1 16C F . 2.97 -4.02 30.74
C3 16C F . 4.68 -3.11 28.83
C4 16C F . 5.18 -2.17 27.73
C5 16C F . 6.49 -1.75 27.70
C6 16C F . 7.00 -0.81 26.59
C7 16C F . 7.37 -1.64 25.33
C8 16C F . 8.40 -2.73 25.71
C9 16C F . 9.16 -3.19 24.44
C10 16C F . 10.17 -2.10 24.02
C11 16C F . 9.73 -1.48 22.64
C12 16C F . 10.05 -2.48 21.50
C13 16C F . 10.10 -1.71 20.13
C14 16C F . 11.27 -2.28 19.27
C15 16C F . 11.18 -1.73 17.83
C16 16C F . 12.61 -1.76 17.16
C17 16C F . 12.45 -1.73 15.62
C18 16C F . 12.91 -3.08 15.02
O3 16C F . 4.47 -2.38 29.99
C20 16C F . 3.07 -5.27 24.73
C21 16C F . 4.38 -4.73 24.09
C22 16C F . 5.22 -5.92 23.49
C23 16C F . 5.85 -5.43 22.13
C24 16C F . 7.04 -6.38 21.68
C25 16C F . 7.49 -5.96 20.22
C26 16C F . 8.46 -7.05 19.61
C27 16C F . 9.82 -6.37 19.24
C28 16C F . 10.84 -7.48 18.82
C29 16C F . 12.18 -6.81 18.35
C30 16C F . 13.38 -7.59 18.96
C31 16C F . 14.67 -6.69 18.89
C32 16C F . 15.63 -7.08 20.05
C33 16C F . 16.47 -5.84 20.46
C34 16C F . 15.55 -4.80 21.16
C31 R16 G . -19.67 3.02 -5.28
C32 R16 G . -20.12 4.18 -6.17
C33 R16 G . -19.72 5.49 -5.52
C34 R16 G . -19.67 6.59 -6.58
C35 R16 G . -19.23 7.90 -5.93
C36 R16 G . -18.37 8.71 -6.91
C37 R16 G . -18.33 10.16 -6.45
C38 R16 G . -17.32 10.93 -7.29
C39 R16 G . -17.70 12.41 -7.30
C40 R16 G . -16.67 13.21 -8.10
C41 R16 G . -17.26 14.54 -8.53
C31 R16 H . -1.83 -17.13 -14.44
C32 R16 H . -2.68 -15.86 -14.48
C33 R16 H . -2.93 -15.46 -15.93
C34 R16 H . -3.24 -13.96 -16.00
C35 R16 H . -3.59 -13.58 -17.43
C36 R16 H . -3.11 -12.17 -17.72
C37 R16 H . -1.76 -12.22 -18.43
C38 R16 H . -1.26 -10.80 -18.70
C39 R16 H . 0.11 -10.87 -19.37
C40 R16 H . 0.30 -9.67 -20.29
C41 R16 H . 1.24 -10.03 -21.42
C31 R16 I . -21.49 -1.45 -17.46
C32 R16 I . -20.09 -0.83 -17.56
C33 R16 I . -20.08 0.50 -16.80
C34 R16 I . -18.81 1.28 -17.17
C35 R16 I . -18.92 2.67 -16.55
C36 R16 I . -17.85 3.59 -17.14
C37 R16 I . -18.25 5.04 -16.83
C38 R16 I . -17.01 5.92 -16.76
C39 R16 I . -17.38 7.24 -16.10
C40 R16 I . -16.31 8.29 -16.38
C41 R16 I . -16.85 9.68 -16.04
K K J . -1.83 -1.63 0.90
CD CD K . 8.50 3.17 -19.47
C1 LNK L . 7.63 -18.09 -9.19
C2 LNK L . 6.18 -17.93 -8.77
C3 LNK L . 5.54 -19.31 -8.61
C4 LNK L . 6.09 -19.98 -7.35
C5 LNK L . 6.13 -21.49 -7.58
C31 R16 M . 20.38 -10.52 1.90
C32 R16 M . 19.98 -10.29 3.35
C33 R16 M . 18.47 -10.27 3.47
C34 R16 M . 18.06 -10.06 4.93
C35 R16 M . 16.64 -10.59 5.15
C36 R16 M . 16.18 -10.23 6.56
C37 R16 M . 15.75 -11.50 7.29
C38 R16 M . 14.94 -11.12 8.54
K K N . 1.69 2.21 -2.69
CD CD O . 11.20 19.21 -1.16
CD CD P . -38.63 -19.47 -11.90
CD CD Q . 9.61 17.99 8.29
C28 R16 R . -20.24 -15.71 -7.47
C29 R16 R . -20.17 -14.95 -8.79
C30 R16 R . -20.74 -13.54 -8.59
C31 R16 R . -20.75 -12.80 -9.93
C32 R16 R . -21.48 -11.46 -9.76
C33 R16 R . -20.46 -10.33 -9.68
C34 R16 R . -21.21 -9.04 -9.31
C35 R16 R . -20.43 -7.82 -9.81
C36 R16 R . -21.43 -6.68 -10.03
C37 R16 R . -20.67 -5.38 -10.30
C38 R16 R . -21.70 -4.26 -10.52
C39 R16 R . -21.01 -3.06 -11.17
C27 R16 S . -23.60 -18.03 -12.50
C28 R16 S . -23.81 -16.54 -12.79
C29 R16 S . -22.55 -15.96 -13.43
C30 R16 S . -22.90 -14.63 -14.10
C31 R16 S . -21.64 -13.81 -14.31
C32 R16 S . -22.02 -12.34 -14.44
C33 R16 S . -20.74 -11.49 -14.47
C34 R16 S . -21.11 -10.01 -14.50
C35 R16 S . -19.85 -9.21 -14.82
C36 R16 S . -20.12 -7.73 -14.56
C37 R16 S . -18.81 -6.94 -14.67
C38 R16 S . -19.01 -5.54 -14.12
C39 R16 S . -17.76 -4.70 -14.39
C40 R16 S . -17.98 -3.26 -13.92
C41 R16 S . -16.78 -2.42 -14.32
C42 R16 S . -16.91 -1.02 -13.70
C28 R16 T . -12.69 13.78 13.58
C29 R16 T . -11.76 13.55 12.39
C30 R16 T . -11.48 14.89 11.69
C31 R16 T . -10.51 14.66 10.53
C32 R16 T . -10.17 16.00 9.89
C33 R16 T . -8.83 15.89 9.16
C34 R16 T . -8.48 17.22 8.50
C35 R16 T . -7.14 17.11 7.79
C10 Q6F U . 4.70 14.34 5.90
C13 Q6F U . 3.38 13.89 6.61
C15 Q6F U . 4.88 14.21 4.54
C17 Q6F U . 6.09 14.63 3.95
C20 Q6F U . 8.10 15.95 1.10
C21 Q6F U . 0.93 9.68 5.72
C22 Q6F U . 1.52 9.90 8.04
C09 Q6F U . 0.95 13.35 6.63
C11 Q6F U . 7.10 15.15 4.74
C12 Q6F U . 1.06 11.85 6.74
C14 Q6F U . 5.72 14.87 6.69
C16 Q6F U . 6.91 15.27 6.11
C18 Q6F U . 0.81 11.05 5.63
C19 Q6F U . 1.42 11.28 7.94
C23 Q6F U . 1.27 9.11 6.92
N07 Q6F U . 2.12 13.80 5.89
N08 Q6F U . 8.28 15.52 3.92
O04 Q6F U . 3.40 13.62 7.77
O05 Q6F U . 10.13 14.68 2.31
O06 Q6F U . 8.24 13.50 2.23
S03 Q6F U . 8.69 14.87 2.43
CL1 Q6F U . 0.35 11.82 4.09
CL2 Q6F U . 1.41 7.36 7.06
C31 R16 V . -17.61 5.88 0.70
C32 R16 V . -16.91 7.08 0.08
C33 R16 V . -17.56 7.42 -1.26
C34 R16 V . -17.05 8.77 -1.73
C35 R16 V . -18.22 9.71 -1.99
C36 R16 V . -17.80 11.13 -1.68
C37 R16 V . -18.75 12.12 -2.34
C38 R16 V . -18.16 13.53 -2.25
C39 R16 V . -19.01 14.51 -3.06
C40 R16 V . -18.31 15.87 -3.10
C41 R16 V . -19.22 16.89 -3.76
C31 R16 W . 6.32 17.50 11.85
C32 R16 W . 5.30 17.04 12.89
C33 R16 W . 4.78 15.66 12.51
C34 R16 W . 4.86 14.73 13.72
C35 R16 W . 3.53 14.75 14.48
C36 R16 W . 3.60 13.77 15.65
C37 R16 W . 2.19 13.52 16.18
C38 R16 W . 1.97 12.02 16.33
C39 R16 W . 0.51 11.68 16.03
C40 R16 W . -0.41 12.47 16.96
C41 R16 W . -1.85 12.10 16.70
C1 D12 X . 23.80 -4.18 6.79
C2 D12 X . 23.32 -3.09 7.73
C3 D12 X . 22.17 -3.62 8.59
C4 D12 X . 21.64 -2.49 9.48
C5 D12 X . 20.30 -2.90 10.08
C6 D12 X . 20.49 -3.35 11.52
C7 D12 X . 19.53 -2.58 12.43
C8 D12 X . 19.84 -2.92 13.89
C9 D12 X . 18.54 -2.96 14.68
C10 D12 X . 18.35 -1.65 15.45
C11 D12 X . 17.49 -1.90 16.68
C12 D12 X . 17.49 -0.64 17.56
K K Y . 9.77 8.86 -11.30
#